data_4IGU
#
_entry.id   4IGU
#
_cell.length_a   32.393
_cell.length_b   65.980
_cell.length_c   141.701
_cell.angle_alpha   90.00
_cell.angle_beta   90.00
_cell.angle_gamma   90.00
#
_symmetry.space_group_name_H-M   'P 21 21 21'
#
loop_
_entity.id
_entity.type
_entity.pdbx_description
1 polymer CG5036
2 non-polymer 'CHLORIDE ION'
3 non-polymer 'SODIUM ION'
4 non-polymer 1,2-ETHANEDIOL
5 water water
#
_entity_poly.entity_id   1
_entity_poly.type   'polypeptide(L)'
_entity_poly.pdbx_seq_one_letter_code
;MRGSHHHHHHGSQPTLEEIRSWGKSFDKLMKSTAGRKVFQNFLRSEFSEENILFWLACEDLKKENSPELVEEKARLIYED
YISILSPREVSLDSRVREIVNRNMIEPTTHTFDEAQIQIYTLMHRDSYPRFLNSQKFKTLSRPAAKLN
;
_entity_poly.pdbx_strand_id   A,B
#
loop_
_chem_comp.id
_chem_comp.type
_chem_comp.name
_chem_comp.formula
CL non-polymer 'CHLORIDE ION' 'Cl -1'
EDO non-polymer 1,2-ETHANEDIOL 'C2 H6 O2'
NA non-polymer 'SODIUM ION' 'Na 1'
#
# COMPACT_ATOMS: atom_id res chain seq x y z
N SER A 12 -14.87 -21.04 13.16
CA SER A 12 -13.44 -21.23 12.99
C SER A 12 -12.73 -20.94 14.31
N GLN A 13 -11.44 -21.26 14.38
CA GLN A 13 -10.64 -21.01 15.58
C GLN A 13 -9.15 -21.19 15.27
N PRO A 14 -8.35 -20.13 15.43
CA PRO A 14 -6.94 -20.14 15.04
C PRO A 14 -6.10 -20.97 16.00
N THR A 15 -5.06 -21.50 15.45
CA THR A 15 -4.14 -22.31 16.24
C THR A 15 -3.33 -21.41 17.16
N LEU A 16 -2.73 -22.04 18.17
CA LEU A 16 -1.91 -21.33 19.12
C LEU A 16 -0.68 -20.75 18.42
N GLU A 17 -0.16 -21.49 17.45
CA GLU A 17 0.97 -21.01 16.64
C GLU A 17 0.62 -19.71 15.92
N GLU A 18 -0.57 -19.68 15.32
CA GLU A 18 -1.07 -18.50 14.62
C GLU A 18 -1.18 -17.32 15.58
N ILE A 19 -1.77 -17.58 16.75
CA ILE A 19 -1.93 -16.56 17.78
C ILE A 19 -0.61 -15.94 18.23
N ARG A 20 0.36 -16.77 18.57
CA ARG A 20 1.65 -16.27 19.03
C ARG A 20 2.38 -15.51 17.94
N SER A 21 2.10 -15.84 16.68
CA SER A 21 2.74 -15.14 15.57
C SER A 21 2.35 -13.66 15.54
N TRP A 22 1.13 -13.36 16.01
CA TRP A 22 0.60 -11.99 16.03
C TRP A 22 1.46 -11.12 16.94
N GLY A 23 2.13 -11.76 17.89
CA GLY A 23 2.95 -11.06 18.86
C GLY A 23 4.37 -10.78 18.39
N LYS A 24 4.75 -11.35 17.25
CA LYS A 24 6.09 -11.15 16.69
C LYS A 24 6.19 -9.85 15.89
N SER A 25 5.12 -9.52 15.17
CA SER A 25 5.06 -8.26 14.43
C SER A 25 3.62 -7.91 14.09
N PHE A 26 3.34 -6.61 13.98
CA PHE A 26 2.05 -6.09 13.57
C PHE A 26 1.67 -6.64 12.19
N ASP A 27 2.68 -6.75 11.32
CA ASP A 27 2.49 -7.27 9.98
C ASP A 27 1.83 -8.64 10.01
N LYS A 28 2.34 -9.51 10.89
CA LYS A 28 1.81 -10.86 11.08
C LYS A 28 0.36 -10.81 11.47
N LEU A 29 0.06 -9.92 12.42
CA LEU A 29 -1.31 -9.73 12.90
C LEU A 29 -2.19 -9.29 11.73
N MET A 30 -1.76 -8.24 11.03
CA MET A 30 -2.58 -7.65 9.96
C MET A 30 -2.75 -8.54 8.72
N LYS A 31 -1.86 -9.51 8.54
CA LYS A 31 -1.97 -10.43 7.41
C LYS A 31 -2.87 -11.64 7.70
N SER A 32 -3.29 -11.77 8.95
CA SER A 32 -4.10 -12.92 9.36
C SER A 32 -5.60 -12.60 9.32
N THR A 33 -6.39 -13.48 8.73
CA THR A 33 -7.83 -13.28 8.70
C THR A 33 -8.34 -13.30 10.14
N ALA A 34 -7.82 -14.24 10.92
CA ALA A 34 -8.23 -14.40 12.32
C ALA A 34 -7.69 -13.27 13.20
N GLY A 35 -6.44 -12.87 12.96
CA GLY A 35 -5.81 -11.81 13.72
C GLY A 35 -6.49 -10.45 13.63
N ARG A 36 -6.96 -10.12 12.43
CA ARG A 36 -7.70 -8.89 12.17
C ARG A 36 -8.96 -8.80 13.02
N LYS A 37 -9.68 -9.93 13.13
CA LYS A 37 -10.96 -9.94 13.86
C LYS A 37 -10.77 -9.77 15.35
N VAL A 38 -9.84 -10.52 15.94
CA VAL A 38 -9.53 -10.38 17.36
C VAL A 38 -9.02 -8.99 17.64
N PHE A 39 -8.17 -8.47 16.75
CA PHE A 39 -7.66 -7.11 16.90
C PHE A 39 -8.79 -6.08 16.79
N GLN A 40 -9.67 -6.26 15.80
CA GLN A 40 -10.83 -5.39 15.66
C GLN A 40 -11.73 -5.46 16.91
N ASN A 41 -11.86 -6.66 17.51
CA ASN A 41 -12.65 -6.78 18.74
C ASN A 41 -12.02 -5.99 19.87
N PHE A 42 -10.70 -6.04 19.94
CA PHE A 42 -9.99 -5.28 20.95
C PHE A 42 -10.15 -3.78 20.72
N LEU A 43 -10.08 -3.35 19.46
CA LEU A 43 -10.23 -1.93 19.14
C LEU A 43 -11.64 -1.45 19.49
N ARG A 44 -12.64 -2.30 19.28
CA ARG A 44 -14.02 -1.94 19.60
C ARG A 44 -14.10 -1.67 21.11
N SER A 45 -13.48 -2.54 21.90
CA SER A 45 -13.42 -2.38 23.34
C SER A 45 -12.75 -1.06 23.71
N GLU A 46 -11.99 -0.51 22.76
CA GLU A 46 -11.26 0.73 22.99
C GLU A 46 -11.88 1.93 22.26
N PHE A 47 -13.07 1.74 21.69
CA PHE A 47 -13.74 2.79 20.91
C PHE A 47 -12.86 3.37 19.80
N SER A 48 -12.14 2.50 19.09
CA SER A 48 -11.34 2.95 17.96
C SER A 48 -11.41 1.99 16.78
N GLU A 49 -12.46 1.16 16.74
CA GLU A 49 -12.56 0.17 15.67
C GLU A 49 -12.71 0.80 14.29
N GLU A 50 -13.05 2.09 14.24
CA GLU A 50 -13.14 2.79 12.96
C GLU A 50 -11.78 2.86 12.26
N ASN A 51 -10.71 2.75 13.04
CA ASN A 51 -9.37 2.75 12.47
C ASN A 51 -9.11 1.54 11.56
N ILE A 52 -9.42 0.34 12.03
CA ILE A 52 -9.20 -0.85 11.21
C ILE A 52 -10.26 -0.99 10.11
N LEU A 53 -11.48 -0.57 10.39
CA LEU A 53 -12.53 -0.65 9.38
C LEU A 53 -12.20 0.29 8.21
N PHE A 54 -11.70 1.49 8.51
CA PHE A 54 -11.25 2.40 7.45
C PHE A 54 -10.11 1.76 6.67
N TRP A 55 -9.15 1.19 7.40
CA TRP A 55 -7.99 0.57 6.77
C TRP A 55 -8.40 -0.59 5.87
N LEU A 56 -9.33 -1.41 6.32
CA LEU A 56 -9.83 -2.50 5.50
C LEU A 56 -10.61 -1.97 4.28
N ALA A 57 -11.33 -0.87 4.45
CA ALA A 57 -12.10 -0.30 3.33
C ALA A 57 -11.17 0.20 2.24
N CYS A 58 -10.05 0.81 2.64
CA CYS A 58 -9.04 1.23 1.68
C CYS A 58 -8.40 0.05 0.92
N GLU A 59 -8.11 -1.05 1.61
CA GLU A 59 -7.56 -2.22 0.92
C GLU A 59 -8.56 -2.78 -0.09
N ASP A 60 -9.83 -2.79 0.28
CA ASP A 60 -10.86 -3.29 -0.61
C ASP A 60 -11.00 -2.38 -1.84
N LEU A 61 -10.91 -1.07 -1.62
CA LEU A 61 -11.03 -0.11 -2.71
C LEU A 61 -9.97 -0.38 -3.77
N LYS A 62 -8.79 -0.82 -3.32
CA LYS A 62 -7.67 -1.01 -4.24
C LYS A 62 -7.93 -2.10 -5.27
N LYS A 63 -8.89 -2.97 -4.97
CA LYS A 63 -9.21 -4.07 -5.86
C LYS A 63 -10.05 -3.58 -7.04
N GLU A 64 -10.72 -2.44 -6.87
CA GLU A 64 -11.61 -1.93 -7.91
C GLU A 64 -10.89 -1.37 -9.15
N ASN A 65 -11.23 -1.88 -10.34
CA ASN A 65 -10.62 -1.40 -11.58
C ASN A 65 -11.41 -0.34 -12.33
N SER A 66 -12.73 -0.32 -12.16
CA SER A 66 -13.58 0.62 -12.92
C SER A 66 -13.65 1.97 -12.24
N PRO A 67 -13.25 3.04 -12.95
CA PRO A 67 -13.17 4.37 -12.32
C PRO A 67 -14.51 4.83 -11.76
N GLU A 68 -15.62 4.45 -12.41
CA GLU A 68 -16.97 4.79 -11.90
C GLU A 68 -17.24 4.20 -10.52
N LEU A 69 -16.79 2.97 -10.31
CA LEU A 69 -17.02 2.28 -9.04
C LEU A 69 -15.96 2.70 -8.02
N VAL A 70 -14.76 3.01 -8.50
CA VAL A 70 -13.78 3.62 -7.61
C VAL A 70 -14.40 4.85 -6.96
N GLU A 71 -15.04 5.68 -7.77
CA GLU A 71 -15.62 6.92 -7.25
C GLU A 71 -16.77 6.63 -6.29
N GLU A 72 -17.65 5.69 -6.68
CA GLU A 72 -18.81 5.33 -5.88
C GLU A 72 -18.39 4.81 -4.49
N LYS A 73 -17.40 3.93 -4.48
CA LYS A 73 -16.91 3.36 -3.22
C LYS A 73 -16.12 4.38 -2.41
N ALA A 74 -15.33 5.20 -3.10
CA ALA A 74 -14.53 6.22 -2.41
C ALA A 74 -15.42 7.24 -1.69
N ARG A 75 -16.49 7.69 -2.34
CA ARG A 75 -17.42 8.64 -1.72
CA ARG A 75 -17.41 8.65 -1.71
C ARG A 75 -17.94 8.09 -0.41
N LEU A 76 -18.25 6.79 -0.38
CA LEU A 76 -18.79 6.15 0.81
C LEU A 76 -17.76 6.04 1.94
N ILE A 77 -16.54 5.63 1.59
CA ILE A 77 -15.43 5.64 2.52
C ILE A 77 -15.25 7.02 3.13
N TYR A 78 -15.27 8.08 2.31
CA TYR A 78 -15.10 9.42 2.88
C TYR A 78 -16.24 9.74 3.84
N GLU A 79 -17.46 9.46 3.40
CA GLU A 79 -18.64 9.74 4.23
C GLU A 79 -18.63 8.97 5.56
N ASP A 80 -18.18 7.70 5.52
CA ASP A 80 -18.26 6.82 6.68
C ASP A 80 -17.12 7.01 7.66
N TYR A 81 -15.95 7.46 7.18
CA TYR A 81 -14.76 7.51 8.04
C TYR A 81 -14.03 8.85 8.19
N ILE A 82 -14.31 9.80 7.30
CA ILE A 82 -13.53 11.04 7.29
C ILE A 82 -14.39 12.28 7.49
N SER A 83 -15.58 12.26 6.90
CA SER A 83 -16.49 13.42 6.96
C SER A 83 -17.07 13.61 8.36
N ILE A 84 -17.55 14.82 8.66
CA ILE A 84 -18.36 15.08 9.86
C ILE A 84 -19.61 14.22 9.92
N LEU A 85 -20.05 13.73 8.76
CA LEU A 85 -21.18 12.80 8.73
C LEU A 85 -20.85 11.48 9.44
N SER A 86 -19.56 11.18 9.56
CA SER A 86 -19.16 9.90 10.16
C SER A 86 -19.59 9.84 11.62
N PRO A 87 -20.03 8.64 12.07
CA PRO A 87 -20.38 8.42 13.48
C PRO A 87 -19.19 8.75 14.35
N ARG A 88 -18.01 8.34 13.91
CA ARG A 88 -16.77 8.72 14.55
C ARG A 88 -15.64 8.67 13.53
N GLU A 89 -15.14 9.82 13.16
CA GLU A 89 -14.16 9.87 12.09
C GLU A 89 -12.77 9.41 12.57
N VAL A 90 -11.97 8.88 11.65
CA VAL A 90 -10.58 8.59 11.94
C VAL A 90 -9.84 9.93 12.08
N SER A 91 -8.75 9.93 12.85
CA SER A 91 -8.02 11.16 13.15
C SER A 91 -6.98 11.44 12.07
N LEU A 92 -7.17 12.52 11.32
CA LEU A 92 -6.24 12.91 10.26
C LEU A 92 -5.82 14.36 10.45
N ASP A 93 -4.54 14.67 10.22
CA ASP A 93 -4.09 16.07 10.33
C ASP A 93 -4.57 16.88 9.12
N SER A 94 -4.52 18.20 9.21
CA SER A 94 -5.06 19.02 8.13
C SER A 94 -4.30 18.85 6.80
N ARG A 95 -3.00 18.57 6.86
CA ARG A 95 -2.26 18.30 5.63
C ARG A 95 -2.83 17.11 4.86
N VAL A 96 -3.09 16.02 5.57
CA VAL A 96 -3.62 14.81 4.93
C VAL A 96 -5.09 15.00 4.50
N ARG A 97 -5.88 15.66 5.33
CA ARG A 97 -7.29 15.90 4.96
C ARG A 97 -7.42 16.68 3.66
N GLU A 98 -6.55 17.67 3.49
CA GLU A 98 -6.57 18.51 2.29
C GLU A 98 -6.17 17.73 1.06
N ILE A 99 -5.21 16.82 1.21
CA ILE A 99 -4.78 15.96 0.11
C ILE A 99 -5.91 15.04 -0.33
N VAL A 100 -6.56 14.38 0.63
CA VAL A 100 -7.68 13.49 0.35
C VAL A 100 -8.84 14.26 -0.32
N ASN A 101 -9.18 15.43 0.20
CA ASN A 101 -10.23 16.27 -0.41
C ASN A 101 -9.95 16.54 -1.87
N ARG A 102 -8.72 16.94 -2.16
CA ARG A 102 -8.38 17.22 -3.55
C ARG A 102 -8.44 15.94 -4.37
N ASN A 103 -8.01 14.81 -3.80
CA ASN A 103 -8.02 13.52 -4.54
C ASN A 103 -9.42 13.02 -4.82
N MET A 104 -10.41 13.57 -4.12
CA MET A 104 -11.78 13.10 -4.25
C MET A 104 -12.50 13.72 -5.42
N ILE A 105 -11.86 14.66 -6.10
CA ILE A 105 -12.48 15.26 -7.27
C ILE A 105 -12.56 14.24 -8.39
N GLU A 106 -11.48 13.47 -8.56
CA GLU A 106 -11.49 12.37 -9.51
C GLU A 106 -10.85 11.18 -8.82
N PRO A 107 -11.65 10.45 -8.03
CA PRO A 107 -11.06 9.40 -7.18
C PRO A 107 -10.29 8.34 -7.96
N THR A 108 -9.18 7.90 -7.37
CA THR A 108 -8.45 6.75 -7.85
C THR A 108 -8.29 5.75 -6.69
N THR A 109 -7.73 4.58 -6.96
CA THR A 109 -7.51 3.58 -5.93
C THR A 109 -6.48 4.03 -4.89
N HIS A 110 -5.78 5.11 -5.18
CA HIS A 110 -4.77 5.62 -4.27
C HIS A 110 -5.18 6.93 -3.62
N THR A 111 -6.45 7.31 -3.78
CA THR A 111 -6.97 8.54 -3.17
C THR A 111 -6.68 8.66 -1.67
N PHE A 112 -6.83 7.55 -0.95
CA PHE A 112 -6.66 7.60 0.51
C PHE A 112 -5.29 7.16 1.03
N ASP A 113 -4.33 6.94 0.14
CA ASP A 113 -3.03 6.42 0.59
C ASP A 113 -2.43 7.13 1.80
N GLU A 114 -2.38 8.46 1.77
CA GLU A 114 -1.80 9.21 2.89
C GLU A 114 -2.55 8.99 4.19
N ALA A 115 -3.88 8.92 4.13
CA ALA A 115 -4.66 8.70 5.33
C ALA A 115 -4.52 7.26 5.79
N GLN A 116 -4.54 6.33 4.85
CA GLN A 116 -4.45 4.91 5.21
C GLN A 116 -3.15 4.62 5.95
N ILE A 117 -2.04 5.19 5.46
CA ILE A 117 -0.75 5.02 6.12
C ILE A 117 -0.72 5.62 7.52
N GLN A 118 -1.26 6.82 7.65
CA GLN A 118 -1.34 7.49 8.94
C GLN A 118 -2.14 6.64 9.95
N ILE A 119 -3.23 6.06 9.48
CA ILE A 119 -4.05 5.22 10.36
C ILE A 119 -3.39 3.86 10.65
N TYR A 120 -2.71 3.26 9.67
CA TYR A 120 -1.93 2.04 9.93
C TYR A 120 -0.83 2.29 10.98
N THR A 121 -0.15 3.43 10.87
CA THR A 121 0.93 3.79 11.78
C THR A 121 0.37 4.00 13.18
N LEU A 122 -0.83 4.59 13.23
CA LEU A 122 -1.54 4.81 14.48
C LEU A 122 -1.84 3.49 15.20
N MET A 123 -2.47 2.55 14.49
CA MET A 123 -2.76 1.24 15.07
C MET A 123 -1.47 0.52 15.48
N HIS A 124 -0.43 0.68 14.65
CA HIS A 124 0.83 0.01 14.90
C HIS A 124 1.51 0.48 16.18
N ARG A 125 1.44 1.78 16.44
CA ARG A 125 2.22 2.37 17.52
C ARG A 125 1.42 2.57 18.80
N ASP A 126 0.13 2.77 18.66
CA ASP A 126 -0.70 3.11 19.82
C ASP A 126 -1.46 1.89 20.34
N SER A 127 -2.37 1.37 19.53
CA SER A 127 -3.26 0.31 19.98
C SER A 127 -2.63 -1.09 19.96
N TYR A 128 -1.64 -1.30 19.09
CA TYR A 128 -1.02 -2.63 18.99
C TYR A 128 -0.22 -3.05 20.23
N PRO A 129 0.64 -2.16 20.77
CA PRO A 129 1.28 -2.53 22.04
C PRO A 129 0.28 -2.86 23.14
N ARG A 130 -0.82 -2.12 23.23
CA ARG A 130 -1.83 -2.38 24.26
C ARG A 130 -2.58 -3.70 24.01
N PHE A 131 -2.83 -4.03 22.75
CA PHE A 131 -3.40 -5.33 22.41
C PHE A 131 -2.50 -6.47 22.88
N LEU A 132 -1.18 -6.33 22.70
CA LEU A 132 -0.25 -7.34 23.18
C LEU A 132 -0.29 -7.47 24.70
N ASN A 133 -0.49 -6.36 25.40
CA ASN A 133 -0.53 -6.37 26.86
C ASN A 133 -1.93 -6.68 27.42
N SER A 134 -2.88 -6.95 26.54
CA SER A 134 -4.27 -7.18 26.96
C SER A 134 -4.47 -8.58 27.54
N GLN A 135 -5.45 -8.72 28.43
CA GLN A 135 -5.74 -10.02 29.03
C GLN A 135 -6.25 -10.99 27.98
N LYS A 136 -7.00 -10.45 27.02
CA LYS A 136 -7.56 -11.25 25.92
C LYS A 136 -6.45 -11.95 25.14
N PHE A 137 -5.43 -11.22 24.75
CA PHE A 137 -4.33 -11.80 23.97
C PHE A 137 -3.51 -12.75 24.83
N LYS A 138 -3.26 -12.34 26.07
CA LYS A 138 -2.48 -13.13 27.01
C LYS A 138 -3.16 -14.46 27.30
N THR A 139 -4.50 -14.45 27.37
CA THR A 139 -5.25 -15.68 27.58
C THR A 139 -5.32 -16.54 26.31
N LEU A 140 -5.56 -15.90 25.17
CA LEU A 140 -5.55 -16.59 23.87
C LEU A 140 -4.23 -17.28 23.61
N SER A 141 -3.16 -16.74 24.20
CA SER A 141 -1.82 -17.27 23.93
CA SER A 141 -1.80 -17.22 23.99
C SER A 141 -1.40 -18.38 24.90
N ARG A 142 -2.30 -18.79 25.78
CA ARG A 142 -1.99 -19.86 26.71
C ARG A 142 -2.20 -21.22 26.05
N PRO A 143 -1.27 -22.15 26.30
CA PRO A 143 -1.35 -23.51 25.75
C PRO A 143 -2.51 -24.28 26.36
N ALA A 144 -2.92 -25.37 25.72
CA ALA A 144 -3.86 -26.30 26.34
C ALA A 144 -3.06 -27.38 27.07
N ALA A 145 -3.69 -28.02 28.05
CA ALA A 145 -3.05 -29.10 28.75
C ALA A 145 -2.89 -30.29 27.80
N LYS A 146 -1.76 -30.98 27.90
CA LYS A 146 -1.55 -32.19 27.12
C LYS A 146 -1.75 -33.40 28.03
N LEU A 147 -2.94 -34.00 27.96
CA LEU A 147 -3.29 -35.11 28.81
C LEU A 147 -2.59 -36.38 28.36
N ASN A 148 -2.18 -37.21 29.31
CA ASN A 148 -1.52 -38.47 28.98
C ASN A 148 -1.68 -39.50 30.09
N SER B 12 3.02 -14.96 -19.70
CA SER B 12 1.65 -14.84 -20.22
C SER B 12 1.44 -13.50 -20.91
N GLN B 13 1.16 -13.54 -22.21
CA GLN B 13 1.11 -12.32 -23.01
C GLN B 13 -0.23 -11.60 -22.91
N PRO B 14 -0.17 -10.27 -22.74
CA PRO B 14 -1.40 -9.47 -22.59
C PRO B 14 -2.23 -9.44 -23.88
N THR B 15 -3.55 -9.49 -23.74
CA THR B 15 -4.42 -9.32 -24.90
C THR B 15 -4.42 -7.87 -25.34
N LEU B 16 -4.94 -7.62 -26.54
CA LEU B 16 -5.06 -6.24 -27.05
C LEU B 16 -5.80 -5.33 -26.08
N GLU B 17 -6.92 -5.81 -25.57
CA GLU B 17 -7.73 -4.96 -24.70
CA GLU B 17 -7.78 -5.06 -24.66
C GLU B 17 -7.09 -4.76 -23.32
N GLU B 18 -6.26 -5.70 -22.86
CA GLU B 18 -5.49 -5.47 -21.64
C GLU B 18 -4.48 -4.35 -21.86
N ILE B 19 -3.74 -4.43 -22.97
CA ILE B 19 -2.83 -3.36 -23.36
C ILE B 19 -3.56 -2.01 -23.42
N ARG B 20 -4.71 -1.96 -24.09
CA ARG B 20 -5.45 -0.70 -24.24
C ARG B 20 -6.04 -0.17 -22.94
N SER B 21 -6.29 -1.06 -22.00
CA SER B 21 -6.71 -0.64 -20.65
C SER B 21 -5.60 0.11 -19.91
N TRP B 22 -4.33 -0.18 -20.19
CA TRP B 22 -3.23 0.59 -19.57
C TRP B 22 -3.33 2.07 -19.93
N GLY B 23 -3.96 2.37 -21.05
CA GLY B 23 -4.03 3.74 -21.55
C GLY B 23 -5.21 4.49 -20.98
N LYS B 24 -6.08 3.77 -20.29
CA LYS B 24 -7.25 4.40 -19.71
C LYS B 24 -7.05 4.62 -18.23
N SER B 25 -6.11 3.88 -17.65
CA SER B 25 -5.93 3.91 -16.21
C SER B 25 -4.51 3.51 -15.82
N PHE B 26 -3.84 4.36 -15.04
CA PHE B 26 -2.50 4.04 -14.50
C PHE B 26 -2.61 2.88 -13.53
N ASP B 27 -3.73 2.80 -12.82
CA ASP B 27 -3.88 1.71 -11.86
C ASP B 27 -3.96 0.35 -12.59
N LYS B 28 -4.65 0.31 -13.73
CA LYS B 28 -4.69 -0.89 -14.58
C LYS B 28 -3.29 -1.27 -15.09
N LEU B 29 -2.50 -0.27 -15.48
CA LEU B 29 -1.13 -0.54 -15.96
C LEU B 29 -0.32 -1.14 -14.81
N MET B 30 -0.40 -0.52 -13.63
CA MET B 30 0.45 -0.89 -12.51
C MET B 30 0.02 -2.19 -11.82
N LYS B 31 -1.14 -2.72 -12.19
CA LYS B 31 -1.61 -4.00 -11.70
C LYS B 31 -1.16 -5.16 -12.59
N SER B 32 -0.49 -4.84 -13.69
CA SER B 32 -0.17 -5.83 -14.72
C SER B 32 1.34 -6.05 -14.77
N THR B 33 1.77 -7.31 -14.72
CA THR B 33 3.20 -7.58 -14.82
C THR B 33 3.75 -7.07 -16.16
N ALA B 34 2.99 -7.30 -17.21
CA ALA B 34 3.34 -6.84 -18.56
C ALA B 34 3.38 -5.33 -18.62
N GLY B 35 2.32 -4.69 -18.14
CA GLY B 35 2.20 -3.24 -18.17
C GLY B 35 3.36 -2.61 -17.44
N ARG B 36 3.67 -3.16 -16.26
CA ARG B 36 4.78 -2.66 -15.47
C ARG B 36 6.10 -2.78 -16.21
N LYS B 37 6.29 -3.88 -16.94
CA LYS B 37 7.51 -4.08 -17.71
C LYS B 37 7.64 -3.11 -18.89
N VAL B 38 6.56 -2.95 -19.66
CA VAL B 38 6.59 -2.04 -20.80
C VAL B 38 6.81 -0.61 -20.32
N PHE B 39 6.16 -0.24 -19.23
CA PHE B 39 6.38 1.06 -18.59
C PHE B 39 7.81 1.18 -18.08
N GLN B 40 8.33 0.12 -17.48
CA GLN B 40 9.71 0.13 -17.00
C GLN B 40 10.68 0.36 -18.16
N ASN B 41 10.43 -0.25 -19.32
CA ASN B 41 11.29 -0.06 -20.48
C ASN B 41 11.30 1.40 -20.92
N PHE B 42 10.12 2.02 -20.83
CA PHE B 42 9.99 3.44 -21.17
C PHE B 42 10.79 4.32 -20.20
N LEU B 43 10.68 4.04 -18.90
CA LEU B 43 11.37 4.84 -17.91
C LEU B 43 12.89 4.69 -18.07
N ARG B 44 13.34 3.51 -18.46
CA ARG B 44 14.78 3.32 -18.66
C ARG B 44 15.26 4.20 -19.82
N SER B 45 14.43 4.33 -20.85
CA SER B 45 14.80 5.16 -21.99
C SER B 45 14.76 6.65 -21.65
N GLU B 46 14.00 6.99 -20.61
CA GLU B 46 13.84 8.37 -20.15
C GLU B 46 14.72 8.65 -18.94
N PHE B 47 15.49 7.65 -18.52
CA PHE B 47 16.39 7.76 -17.37
C PHE B 47 15.72 8.10 -16.05
N SER B 48 14.61 7.42 -15.76
CA SER B 48 14.02 7.50 -14.42
C SER B 48 13.57 6.12 -14.00
N GLU B 49 14.32 5.10 -14.42
CA GLU B 49 13.97 3.71 -14.12
C GLU B 49 14.00 3.41 -12.63
N GLU B 50 14.79 4.18 -11.87
CA GLU B 50 14.92 3.96 -10.45
C GLU B 50 13.58 4.15 -9.73
N ASN B 51 12.69 4.98 -10.30
CA ASN B 51 11.39 5.20 -9.67
C ASN B 51 10.55 3.92 -9.65
N ILE B 52 10.50 3.20 -10.76
CA ILE B 52 9.69 1.98 -10.77
CA ILE B 52 9.70 1.96 -10.81
C ILE B 52 10.41 0.82 -10.09
N LEU B 53 11.74 0.84 -10.12
CA LEU B 53 12.51 -0.21 -9.45
C LEU B 53 12.37 -0.07 -7.93
N PHE B 54 12.41 1.17 -7.44
CA PHE B 54 12.17 1.42 -6.03
C PHE B 54 10.75 1.00 -5.67
N TRP B 55 9.78 1.36 -6.52
CA TRP B 55 8.39 1.04 -6.24
C TRP B 55 8.18 -0.48 -6.17
N LEU B 56 8.77 -1.22 -7.11
CA LEU B 56 8.70 -2.68 -7.09
C LEU B 56 9.35 -3.28 -5.83
N ALA B 57 10.46 -2.71 -5.39
CA ALA B 57 11.14 -3.24 -4.21
C ALA B 57 10.30 -3.04 -2.95
N CYS B 58 9.58 -1.92 -2.85
CA CYS B 58 8.68 -1.70 -1.72
C CYS B 58 7.51 -2.69 -1.73
N GLU B 59 7.03 -3.04 -2.92
CA GLU B 59 5.96 -4.01 -3.07
C GLU B 59 6.45 -5.37 -2.63
N ASP B 60 7.65 -5.71 -3.07
CA ASP B 60 8.33 -6.93 -2.65
C ASP B 60 8.48 -6.98 -1.13
N LEU B 61 8.98 -5.90 -0.54
CA LEU B 61 9.17 -5.85 0.91
C LEU B 61 7.88 -6.13 1.66
N LYS B 62 6.77 -5.59 1.17
CA LYS B 62 5.47 -5.75 1.86
C LYS B 62 4.99 -7.20 1.86
N LYS B 63 5.46 -8.00 0.91
CA LYS B 63 5.15 -9.43 0.84
C LYS B 63 6.01 -10.28 1.77
N GLU B 64 7.10 -9.70 2.27
CA GLU B 64 8.08 -10.48 3.02
C GLU B 64 7.51 -10.94 4.36
N ASN B 65 7.67 -12.23 4.65
CA ASN B 65 7.10 -12.80 5.87
C ASN B 65 8.10 -13.20 6.96
N SER B 66 9.39 -13.09 6.69
CA SER B 66 10.39 -13.34 7.73
C SER B 66 11.13 -12.06 8.14
N PRO B 67 11.29 -11.84 9.45
CA PRO B 67 11.81 -10.58 9.99
C PRO B 67 13.24 -10.32 9.54
N GLU B 68 14.07 -11.37 9.52
CA GLU B 68 15.47 -11.23 9.15
C GLU B 68 15.61 -10.84 7.68
N LEU B 69 14.66 -11.29 6.86
CA LEU B 69 14.62 -10.84 5.47
C LEU B 69 13.97 -9.47 5.35
N VAL B 70 13.15 -9.10 6.34
CA VAL B 70 12.54 -7.76 6.37
C VAL B 70 13.63 -6.70 6.57
N GLU B 71 14.50 -6.94 7.55
CA GLU B 71 15.53 -5.98 7.93
C GLU B 71 16.58 -5.83 6.82
N GLU B 72 16.95 -6.96 6.22
CA GLU B 72 17.94 -6.99 5.15
C GLU B 72 17.38 -6.43 3.83
N LYS B 73 16.13 -6.77 3.52
CA LYS B 73 15.52 -6.20 2.32
C LYS B 73 15.36 -4.69 2.46
N ALA B 74 14.97 -4.21 3.65
CA ALA B 74 14.82 -2.78 3.88
C ALA B 74 16.17 -2.06 3.81
N ARG B 75 17.22 -2.74 4.27
CA ARG B 75 18.58 -2.20 4.18
C ARG B 75 18.98 -2.03 2.71
N LEU B 76 18.64 -3.02 1.89
CA LEU B 76 18.97 -2.97 0.47
C LEU B 76 18.20 -1.85 -0.22
N ILE B 77 16.91 -1.75 0.08
CA ILE B 77 16.10 -0.68 -0.48
C ILE B 77 16.69 0.68 -0.07
N TYR B 78 17.09 0.79 1.19
CA TYR B 78 17.60 2.07 1.69
C TYR B 78 18.91 2.46 1.02
N GLU B 79 19.83 1.50 0.88
CA GLU B 79 21.12 1.82 0.29
C GLU B 79 21.01 2.05 -1.22
N ASP B 80 20.12 1.29 -1.89
CA ASP B 80 19.91 1.50 -3.34
C ASP B 80 19.18 2.81 -3.66
N TYR B 81 18.13 3.15 -2.91
CA TYR B 81 17.23 4.22 -3.36
C TYR B 81 17.07 5.45 -2.43
N ILE B 82 17.54 5.36 -1.19
CA ILE B 82 17.28 6.44 -0.23
C ILE B 82 18.55 7.16 0.20
N SER B 83 19.62 6.40 0.38
CA SER B 83 20.91 6.95 0.82
C SER B 83 21.42 8.04 -0.11
N ILE B 84 21.94 9.11 0.48
CA ILE B 84 22.51 10.21 -0.31
C ILE B 84 23.85 9.84 -0.93
N LEU B 85 24.30 8.61 -0.70
CA LEU B 85 25.51 8.12 -1.36
C LEU B 85 25.17 7.31 -2.61
N SER B 86 23.88 7.17 -2.88
CA SER B 86 23.43 6.33 -3.98
C SER B 86 23.21 7.08 -5.30
N PRO B 87 23.81 6.58 -6.39
CA PRO B 87 23.63 7.15 -7.74
C PRO B 87 22.21 6.91 -8.27
N ARG B 88 21.37 6.24 -7.48
CA ARG B 88 19.99 5.93 -7.84
CA ARG B 88 19.99 5.95 -7.86
C ARG B 88 18.98 6.44 -6.81
N GLU B 89 19.42 7.31 -5.91
CA GLU B 89 18.53 7.86 -4.89
C GLU B 89 17.31 8.50 -5.54
N VAL B 90 16.11 8.07 -5.12
CA VAL B 90 14.89 8.65 -5.67
C VAL B 90 14.61 10.00 -5.01
N SER B 91 13.92 10.89 -5.70
CA SER B 91 13.71 12.24 -5.17
C SER B 91 12.51 12.30 -4.23
N LEU B 92 12.77 12.58 -2.96
CA LEU B 92 11.73 12.63 -1.94
C LEU B 92 11.85 13.98 -1.23
N ASP B 93 10.75 14.48 -0.67
CA ASP B 93 10.85 15.70 0.13
C ASP B 93 11.43 15.42 1.52
N SER B 94 11.74 16.47 2.26
CA SER B 94 12.33 16.38 3.60
C SER B 94 11.47 15.58 4.56
N ARG B 95 10.17 15.91 4.61
CA ARG B 95 9.24 15.27 5.52
C ARG B 95 9.27 13.74 5.36
N VAL B 96 9.20 13.29 4.11
CA VAL B 96 9.19 11.87 3.78
C VAL B 96 10.49 11.14 4.11
N ARG B 97 11.62 11.74 3.71
CA ARG B 97 12.93 11.12 3.97
C ARG B 97 13.18 11.00 5.47
N GLU B 98 12.81 12.04 6.22
CA GLU B 98 12.93 12.01 7.67
C GLU B 98 12.04 10.94 8.30
N ILE B 99 10.87 10.69 7.71
CA ILE B 99 10.02 9.60 8.18
C ILE B 99 10.68 8.25 7.90
N VAL B 100 11.21 8.09 6.69
CA VAL B 100 11.93 6.86 6.35
C VAL B 100 13.07 6.63 7.33
N ASN B 101 13.85 7.67 7.61
CA ASN B 101 14.99 7.52 8.53
C ASN B 101 14.57 7.06 9.93
N ARG B 102 13.53 7.69 10.47
CA ARG B 102 12.96 7.28 11.75
C ARG B 102 12.41 5.85 11.68
N ASN B 103 11.79 5.49 10.55
CA ASN B 103 11.27 4.14 10.36
C ASN B 103 12.35 3.05 10.24
N MET B 104 13.53 3.43 9.78
CA MET B 104 14.64 2.48 9.61
C MET B 104 15.31 2.02 10.91
N ILE B 105 14.97 2.62 12.04
CA ILE B 105 15.54 2.19 13.32
C ILE B 105 15.16 0.74 13.63
N GLU B 106 13.87 0.43 13.52
CA GLU B 106 13.43 -0.96 13.50
C GLU B 106 12.58 -1.21 12.24
N PRO B 107 13.24 -1.59 11.14
CA PRO B 107 12.55 -1.74 9.85
C PRO B 107 11.32 -2.65 9.90
N THR B 108 10.25 -2.25 9.22
CA THR B 108 9.07 -3.09 9.07
C THR B 108 8.71 -3.18 7.59
N THR B 109 7.70 -3.97 7.25
CA THR B 109 7.28 -4.13 5.85
C THR B 109 6.72 -2.82 5.29
N HIS B 110 6.39 -1.89 6.17
CA HIS B 110 5.82 -0.60 5.74
C HIS B 110 6.73 0.59 5.98
N THR B 111 8.03 0.32 6.13
CA THR B 111 9.00 1.37 6.42
C THR B 111 8.98 2.48 5.37
N PHE B 112 8.76 2.10 4.12
CA PHE B 112 8.87 3.05 3.01
C PHE B 112 7.56 3.54 2.41
N ASP B 113 6.43 3.26 3.07
CA ASP B 113 5.13 3.58 2.48
C ASP B 113 4.97 5.05 2.07
N GLU B 114 5.39 5.99 2.90
CA GLU B 114 5.29 7.41 2.52
C GLU B 114 6.14 7.75 1.29
N ALA B 115 7.31 7.14 1.20
CA ALA B 115 8.17 7.36 0.04
C ALA B 115 7.58 6.68 -1.19
N GLN B 116 7.03 5.49 -1.01
CA GLN B 116 6.44 4.74 -2.12
C GLN B 116 5.30 5.48 -2.81
N ILE B 117 4.38 6.04 -2.02
CA ILE B 117 3.25 6.75 -2.62
C ILE B 117 3.69 8.07 -3.28
N GLN B 118 4.74 8.70 -2.76
CA GLN B 118 5.26 9.90 -3.40
C GLN B 118 5.86 9.58 -4.78
N ILE B 119 6.54 8.43 -4.87
CA ILE B 119 7.11 8.00 -6.16
C ILE B 119 6.01 7.48 -7.10
N TYR B 120 4.96 6.89 -6.55
CA TYR B 120 3.85 6.42 -7.40
C TYR B 120 3.22 7.63 -8.05
N THR B 121 2.97 8.64 -7.23
CA THR B 121 2.36 9.88 -7.68
C THR B 121 3.24 10.56 -8.72
N LEU B 122 4.54 10.52 -8.50
CA LEU B 122 5.48 11.10 -9.47
C LEU B 122 5.38 10.41 -10.83
N MET B 123 5.39 9.08 -10.84
CA MET B 123 5.29 8.37 -12.12
C MET B 123 3.92 8.60 -12.76
N HIS B 124 2.87 8.61 -11.94
CA HIS B 124 1.50 8.80 -12.42
C HIS B 124 1.35 10.13 -13.13
N ARG B 125 1.89 11.18 -12.53
CA ARG B 125 1.59 12.52 -13.02
C ARG B 125 2.56 13.01 -14.08
N ASP B 126 3.80 12.51 -14.02
CA ASP B 126 4.85 12.96 -14.92
CA ASP B 126 4.85 12.98 -14.93
C ASP B 126 5.16 11.98 -16.05
N SER B 127 5.47 10.74 -15.70
CA SER B 127 5.93 9.77 -16.71
C SER B 127 4.80 9.12 -17.49
N TYR B 128 3.74 8.76 -16.79
CA TYR B 128 2.64 8.02 -17.42
C TYR B 128 2.03 8.71 -18.67
N PRO B 129 1.76 10.02 -18.61
CA PRO B 129 1.20 10.67 -19.80
C PRO B 129 2.15 10.63 -20.98
N ARG B 130 3.45 10.76 -20.70
CA ARG B 130 4.45 10.70 -21.76
C ARG B 130 4.49 9.28 -22.33
N PHE B 131 4.33 8.28 -21.47
CA PHE B 131 4.30 6.88 -21.92
C PHE B 131 3.16 6.59 -22.91
N LEU B 132 1.97 7.16 -22.67
CA LEU B 132 0.84 6.96 -23.57
C LEU B 132 1.15 7.44 -25.00
N ASN B 133 2.11 8.36 -25.11
CA ASN B 133 2.52 8.92 -26.41
C ASN B 133 3.72 8.21 -27.05
N SER B 134 4.28 7.23 -26.35
CA SER B 134 5.47 6.56 -26.85
C SER B 134 5.12 5.63 -28.01
N GLN B 135 6.06 5.43 -28.94
CA GLN B 135 5.83 4.59 -30.10
C GLN B 135 5.54 3.15 -29.71
N LYS B 136 6.24 2.66 -28.69
CA LYS B 136 6.04 1.27 -28.28
C LYS B 136 4.62 1.01 -27.76
N PHE B 137 4.05 1.99 -27.07
CA PHE B 137 2.71 1.79 -26.54
C PHE B 137 1.68 1.89 -27.65
N LYS B 138 1.86 2.87 -28.53
CA LYS B 138 1.01 3.01 -29.71
C LYS B 138 1.06 1.77 -30.61
N THR B 139 2.27 1.26 -30.85
CA THR B 139 2.45 0.04 -31.63
C THR B 139 1.76 -1.16 -30.94
N LEU B 140 2.00 -1.31 -29.65
CA LEU B 140 1.34 -2.37 -28.89
C LEU B 140 -0.19 -2.28 -28.96
N SER B 141 -0.70 -1.05 -29.11
CA SER B 141 -2.14 -0.80 -29.12
C SER B 141 -2.80 -1.04 -30.47
N ARG B 142 -2.00 -1.39 -31.47
CA ARG B 142 -2.54 -1.64 -32.81
C ARG B 142 -3.33 -2.93 -32.87
N PRO B 143 -4.43 -2.92 -33.62
CA PRO B 143 -5.22 -4.12 -33.90
C PRO B 143 -4.43 -5.10 -34.76
N ALA B 144 -4.68 -6.40 -34.62
CA ALA B 144 -4.05 -7.39 -35.48
C ALA B 144 -4.42 -7.12 -36.94
N ALA B 145 -3.46 -7.24 -37.84
CA ALA B 145 -3.69 -6.93 -39.25
C ALA B 145 -4.50 -8.01 -39.98
N LYS B 146 -5.41 -7.55 -40.83
CA LYS B 146 -6.20 -8.43 -41.68
C LYS B 146 -5.31 -9.05 -42.74
N LEU B 147 -5.49 -10.35 -42.98
CA LEU B 147 -4.74 -11.09 -44.01
C LEU B 147 -5.06 -10.51 -45.39
N ASN B 148 -4.03 -10.06 -46.10
CA ASN B 148 -4.22 -9.46 -47.42
C ASN B 148 -4.58 -10.49 -48.50
CL CL C . 5.97 -4.61 14.64
CL CL D . -1.15 0.72 4.96
CL CL E . -11.79 18.96 5.57
NA NA F . -8.58 1.45 -10.55
CL CL G . 1.94 2.92 -4.13
CL CL H . -5.74 5.20 -11.57
NA NA I . 9.82 1.35 12.20
C1 EDO J . 4.68 6.30 8.20
O1 EDO J . 4.25 7.59 7.73
C2 EDO J . 5.35 5.52 7.06
O2 EDO J . 5.13 4.10 7.24
#